data_3HW8
#
_entry.id   3HW8
#
_cell.length_a   56.249
_cell.length_b   68.386
_cell.length_c   137.108
_cell.angle_alpha   90.00
_cell.angle_beta   90.00
_cell.angle_gamma   90.00
#
_symmetry.space_group_name_H-M   'P 21 21 21'
#
loop_
_entity.id
_entity.type
_entity.pdbx_description
1 polymer 'DNA polymerase lambda'
2 polymer "5'-D(*CP*GP*GP*CP*CP*AP*AP*TP*AP*CP*TP*G)-3'"
3 polymer "5'-D(*CP*AP*GP*TP*AP*T)-3'"
4 polymer "5'-D(P*GP*CP*CP*G)-3'"
5 non-polymer 'MAGNESIUM ION'
6 non-polymer 'SODIUM ION'
7 non-polymer "2',3'-DIDEOXY-THYMIDINE-5'-TRIPHOSPHATE"
8 non-polymer 1,2-ETHANEDIOL
9 water water
#
loop_
_entity_poly.entity_id
_entity_poly.type
_entity_poly.pdbx_seq_one_letter_code
_entity_poly.pdbx_strand_id
1 'polypeptide(L)'
;MAQPSSQKATNHNLHITEKLEVLAKAYSVQGDKWRALGYAKAINALKSFHKPVTSYQEACSIPGIGKRMAEKIIEILESG
HLRKLDHISESVPVLELFSNIWGAGTKTAQMWYQQGFRSLEDIRSQASLTTQQAIGLKHYSDFLERMPREEATEIEQTVQ
KAAQAFNSGLLCVACGSYRRGKATCGDVDVLITHPDGRSHRGIFSRLLDSLRQEGFLTDDLVSQEENGQQQKYLGVCRLP
GPGRRHRRLDIIVVPYSEFACALLYFTGSAHFNRSMRALAKTKGMSLSEHALSTAVVRNTHGAKVGPGRVLPTPTEKDVF
RLLGLPYREPAERDW
;
A
2 'polydeoxyribonucleotide' (DC)(DG)(DG)(DC)(DC)(DA)(DA)(DT)(DA)(DC)(DT)(DG) B
3 'polydeoxyribonucleotide' (DC)(DA)(DG)(DT)(DA)(DT) C
4 'polydeoxyribonucleotide' (DG)(DC)(DC)(DG) D
#
# COMPACT_ATOMS: atom_id res chain seq x y z
N ALA A 9 14.41 16.96 5.06
CA ALA A 9 15.24 17.93 4.27
C ALA A 9 14.71 18.05 2.85
N THR A 10 15.60 18.24 1.89
CA THR A 10 15.22 18.39 0.49
C THR A 10 16.26 17.78 -0.45
N ASN A 11 15.80 17.41 -1.64
CA ASN A 11 16.65 16.80 -2.66
C ASN A 11 17.46 17.85 -3.43
N HIS A 12 18.78 17.61 -3.52
CA HIS A 12 19.68 18.52 -4.23
C HIS A 12 19.98 18.03 -5.65
N ASN A 13 19.44 16.87 -5.99
CA ASN A 13 19.64 16.27 -7.31
C ASN A 13 18.34 16.16 -8.10
N LEU A 14 17.43 17.11 -7.88
CA LEU A 14 16.15 17.11 -8.56
C LEU A 14 16.31 17.02 -10.07
N HIS A 15 17.31 17.71 -10.60
CA HIS A 15 17.56 17.68 -12.04
C HIS A 15 17.90 16.26 -12.48
N ILE A 16 18.14 15.39 -11.50
CA ILE A 16 18.47 14.00 -11.78
C ILE A 16 17.30 13.08 -11.45
N THR A 17 16.84 13.12 -10.21
CA THR A 17 15.72 12.28 -9.79
C THR A 17 14.49 12.44 -10.68
N GLU A 18 14.40 13.56 -11.38
CA GLU A 18 13.28 13.80 -12.27
C GLU A 18 13.33 12.88 -13.48
N LYS A 19 14.51 12.74 -14.08
CA LYS A 19 14.66 11.89 -15.25
C LYS A 19 14.57 10.41 -14.85
N LEU A 20 15.17 10.07 -13.71
CA LEU A 20 15.13 8.69 -13.22
C LEU A 20 13.70 8.27 -12.89
N GLU A 21 12.98 9.17 -12.23
CA GLU A 21 11.60 8.92 -11.83
C GLU A 21 10.76 8.44 -13.02
N VAL A 22 11.01 9.02 -14.19
CA VAL A 22 10.28 8.65 -15.41
C VAL A 22 10.49 7.17 -15.73
N LEU A 23 11.75 6.74 -15.71
CA LEU A 23 12.08 5.34 -16.00
C LEU A 23 11.51 4.41 -14.92
N ALA A 24 11.58 4.83 -13.67
CA ALA A 24 11.08 4.04 -12.56
C ALA A 24 9.60 3.70 -12.75
N LYS A 25 8.79 4.72 -13.03
CA LYS A 25 7.36 4.50 -13.22
C LYS A 25 7.12 3.74 -14.52
N ALA A 26 8.00 3.96 -15.50
CA ALA A 26 7.89 3.28 -16.77
C ALA A 26 8.04 1.78 -16.58
N TYR A 27 9.13 1.36 -15.93
CA TYR A 27 9.39 -0.06 -15.68
C TYR A 27 8.34 -0.66 -14.76
N SER A 28 7.89 0.12 -13.79
CA SER A 28 6.88 -0.33 -12.84
C SER A 28 5.55 -0.70 -13.50
N VAL A 29 5.01 0.20 -14.32
CA VAL A 29 3.73 -0.07 -14.98
C VAL A 29 3.87 -1.19 -16.01
N GLN A 30 5.11 -1.54 -16.34
CA GLN A 30 5.32 -2.61 -17.30
C GLN A 30 5.61 -3.93 -16.60
N GLY A 31 5.47 -3.94 -15.28
CA GLY A 31 5.70 -5.15 -14.51
C GLY A 31 7.13 -5.51 -14.15
N ASP A 32 8.09 -4.64 -14.48
CA ASP A 32 9.48 -4.93 -14.15
C ASP A 32 9.73 -4.49 -12.71
N LYS A 33 9.13 -5.22 -11.80
CA LYS A 33 9.19 -4.96 -10.37
C LYS A 33 10.56 -4.62 -9.78
N TRP A 34 11.50 -5.54 -9.89
CA TRP A 34 12.83 -5.33 -9.32
C TRP A 34 13.66 -4.23 -9.95
N ARG A 35 13.61 -4.08 -11.27
CA ARG A 35 14.37 -3.01 -11.91
C ARG A 35 13.77 -1.69 -11.43
N ALA A 36 12.44 -1.67 -11.34
CA ALA A 36 11.74 -0.49 -10.87
C ALA A 36 12.14 -0.22 -9.42
N LEU A 37 12.31 -1.30 -8.64
CA LEU A 37 12.72 -1.15 -7.25
C LEU A 37 14.13 -0.58 -7.21
N GLY A 38 14.94 -0.97 -8.19
CA GLY A 38 16.30 -0.49 -8.28
C GLY A 38 16.32 1.03 -8.42
N TYR A 39 15.57 1.55 -9.38
CA TYR A 39 15.50 3.00 -9.57
C TYR A 39 14.91 3.66 -8.34
N ALA A 40 13.93 3.02 -7.73
CA ALA A 40 13.31 3.55 -6.53
C ALA A 40 14.37 3.84 -5.48
N LYS A 41 15.16 2.82 -5.15
CA LYS A 41 16.22 2.96 -4.16
C LYS A 41 17.26 4.00 -4.55
N ALA A 42 17.63 4.04 -5.82
CA ALA A 42 18.62 5.00 -6.31
C ALA A 42 18.09 6.42 -6.12
N ILE A 43 16.83 6.63 -6.50
CA ILE A 43 16.20 7.94 -6.36
C ILE A 43 16.10 8.35 -4.90
N ASN A 44 15.75 7.41 -4.04
CA ASN A 44 15.65 7.69 -2.61
C ASN A 44 16.99 8.11 -2.03
N ALA A 45 18.06 7.53 -2.56
CA ALA A 45 19.41 7.85 -2.09
C ALA A 45 19.78 9.29 -2.47
N LEU A 46 19.70 9.58 -3.77
CA LEU A 46 20.03 10.91 -4.30
C LEU A 46 19.35 12.05 -3.54
N LYS A 47 18.31 11.74 -2.79
CA LYS A 47 17.59 12.75 -2.03
C LYS A 47 18.13 12.94 -0.64
N SER A 48 18.16 11.85 0.13
CA SER A 48 18.67 11.90 1.49
C SER A 48 20.15 12.24 1.51
N PHE A 49 20.67 12.61 0.33
CA PHE A 49 22.08 12.98 0.21
C PHE A 49 22.20 14.44 0.65
N HIS A 50 23.41 15.00 0.57
CA HIS A 50 23.62 16.38 0.99
C HIS A 50 24.01 17.35 -0.11
N LYS A 51 24.64 16.85 -1.16
CA LYS A 51 25.06 17.74 -2.24
C LYS A 51 24.80 17.20 -3.64
N PRO A 52 24.72 18.10 -4.63
CA PRO A 52 24.48 17.71 -6.02
C PRO A 52 25.61 16.81 -6.53
N VAL A 53 25.24 15.63 -7.04
CA VAL A 53 26.24 14.72 -7.56
C VAL A 53 26.83 15.35 -8.82
N THR A 54 28.13 15.61 -8.79
CA THR A 54 28.83 16.23 -9.90
C THR A 54 29.81 15.27 -10.58
N SER A 55 30.17 14.18 -9.90
CA SER A 55 31.13 13.21 -10.47
C SER A 55 30.63 11.77 -10.53
N TYR A 56 31.02 11.08 -11.59
CA TYR A 56 30.66 9.68 -11.80
C TYR A 56 31.15 8.88 -10.60
N GLN A 57 32.32 9.26 -10.09
CA GLN A 57 32.93 8.59 -8.94
C GLN A 57 32.10 8.87 -7.68
N GLU A 58 31.52 10.05 -7.61
CA GLU A 58 30.72 10.45 -6.48
C GLU A 58 29.39 9.71 -6.49
N ALA A 59 29.00 9.27 -7.68
CA ALA A 59 27.76 8.54 -7.86
C ALA A 59 27.93 7.12 -7.34
N CYS A 60 28.91 6.42 -7.89
CA CYS A 60 29.19 5.03 -7.50
C CYS A 60 29.41 4.91 -6.00
N SER A 61 29.83 6.00 -5.37
CA SER A 61 30.11 6.02 -3.95
C SER A 61 28.86 5.96 -3.08
N ILE A 62 27.70 6.22 -3.68
CA ILE A 62 26.45 6.18 -2.94
C ILE A 62 25.81 4.80 -2.97
N PRO A 63 25.54 4.22 -1.79
CA PRO A 63 24.93 2.88 -1.76
C PRO A 63 23.55 2.93 -2.41
N GLY A 64 23.34 2.05 -3.39
CA GLY A 64 22.09 2.02 -4.11
C GLY A 64 22.32 2.50 -5.52
N ILE A 65 23.53 3.00 -5.76
CA ILE A 65 23.93 3.50 -7.07
C ILE A 65 25.18 2.79 -7.57
N GLY A 66 25.03 2.01 -8.64
CA GLY A 66 26.16 1.28 -9.19
C GLY A 66 26.63 1.86 -10.52
N LYS A 67 27.43 1.10 -11.25
CA LYS A 67 27.95 1.54 -12.54
C LYS A 67 26.85 2.08 -13.41
N ARG A 68 25.84 1.26 -13.68
CA ARG A 68 24.70 1.63 -14.52
C ARG A 68 24.08 2.97 -14.16
N MET A 69 23.57 3.06 -12.94
CA MET A 69 22.91 4.28 -12.47
C MET A 69 23.85 5.49 -12.58
N ALA A 70 25.11 5.31 -12.17
CA ALA A 70 26.08 6.38 -12.21
C ALA A 70 26.29 6.88 -13.65
N GLU A 71 26.42 5.95 -14.59
CA GLU A 71 26.61 6.30 -15.99
C GLU A 71 25.41 7.06 -16.53
N LYS A 72 24.26 6.91 -15.86
CA LYS A 72 23.04 7.59 -16.24
C LYS A 72 23.12 9.04 -15.78
N ILE A 73 23.56 9.22 -14.54
CA ILE A 73 23.67 10.54 -13.94
C ILE A 73 24.64 11.50 -14.66
N ILE A 74 25.75 10.99 -15.18
CA ILE A 74 26.69 11.86 -15.88
C ILE A 74 26.06 12.44 -17.14
N GLU A 75 25.16 11.69 -17.76
CA GLU A 75 24.51 12.14 -18.98
C GLU A 75 23.50 13.24 -18.66
N ILE A 76 22.91 13.18 -17.47
CA ILE A 76 21.95 14.18 -17.05
C ILE A 76 22.72 15.45 -16.66
N LEU A 77 24.02 15.30 -16.47
CA LEU A 77 24.88 16.42 -16.09
C LEU A 77 25.66 16.97 -17.29
N GLU A 78 26.24 16.07 -18.07
CA GLU A 78 27.00 16.45 -19.25
C GLU A 78 26.10 16.86 -20.42
N SER A 79 25.03 16.11 -20.61
CA SER A 79 24.07 16.39 -21.69
C SER A 79 22.88 17.21 -21.21
N GLY A 80 22.62 17.16 -19.91
CA GLY A 80 21.49 17.88 -19.36
C GLY A 80 20.21 17.14 -19.67
N HIS A 81 20.35 16.05 -20.42
CA HIS A 81 19.22 15.22 -20.82
C HIS A 81 19.65 13.76 -21.00
N LEU A 82 18.73 12.83 -20.73
CA LEU A 82 19.00 11.41 -20.85
C LEU A 82 18.37 10.84 -22.13
N ARG A 83 19.20 10.32 -23.02
CA ARG A 83 18.73 9.76 -24.28
C ARG A 83 17.84 8.54 -24.07
N LYS A 84 17.80 8.04 -22.84
CA LYS A 84 17.00 6.86 -22.51
C LYS A 84 15.51 7.20 -22.44
N LEU A 85 15.18 8.30 -21.78
CA LEU A 85 13.78 8.72 -21.63
C LEU A 85 13.05 8.92 -22.95
N ASP A 86 13.76 8.86 -24.07
CA ASP A 86 13.12 9.04 -25.37
C ASP A 86 12.88 7.73 -26.09
N HIS A 87 13.40 6.64 -25.53
CA HIS A 87 13.22 5.33 -26.13
C HIS A 87 12.22 4.47 -25.35
N ILE A 88 11.54 5.11 -24.40
CA ILE A 88 10.54 4.43 -23.59
C ILE A 88 9.31 4.15 -24.45
N SER A 89 8.74 2.95 -24.33
CA SER A 89 7.56 2.57 -25.10
C SER A 89 6.44 3.60 -25.05
N GLU A 90 5.80 3.85 -26.18
CA GLU A 90 4.71 4.81 -26.26
C GLU A 90 3.47 4.32 -25.52
N SER A 91 3.46 3.04 -25.17
CA SER A 91 2.33 2.46 -24.46
C SER A 91 2.28 2.82 -22.98
N VAL A 92 3.44 3.14 -22.40
CA VAL A 92 3.52 3.46 -20.98
C VAL A 92 2.43 4.40 -20.46
N PRO A 93 2.22 5.56 -21.11
CA PRO A 93 1.18 6.47 -20.65
C PRO A 93 -0.20 5.79 -20.56
N VAL A 94 -0.53 5.02 -21.58
CA VAL A 94 -1.80 4.31 -21.62
C VAL A 94 -1.86 3.21 -20.56
N LEU A 95 -0.73 2.52 -20.37
CA LEU A 95 -0.68 1.44 -19.37
C LEU A 95 -0.92 2.02 -17.98
N GLU A 96 -0.39 3.21 -17.74
CA GLU A 96 -0.55 3.89 -16.46
C GLU A 96 -2.01 4.26 -16.25
N LEU A 97 -2.63 4.78 -17.31
CA LEU A 97 -4.03 5.17 -17.29
C LEU A 97 -4.88 3.98 -16.90
N PHE A 98 -4.64 2.86 -17.60
CA PHE A 98 -5.38 1.62 -17.38
C PHE A 98 -5.16 0.97 -16.01
N SER A 99 -3.90 0.90 -15.56
CA SER A 99 -3.61 0.27 -14.28
C SER A 99 -4.06 1.09 -13.07
N ASN A 100 -4.53 2.31 -13.31
CA ASN A 100 -5.03 3.16 -12.23
C ASN A 100 -6.51 2.84 -11.96
N ILE A 101 -7.04 1.89 -12.70
CA ILE A 101 -8.41 1.45 -12.50
C ILE A 101 -8.28 0.43 -11.37
N TRP A 102 -9.04 0.60 -10.29
CA TRP A 102 -8.94 -0.35 -9.18
C TRP A 102 -9.37 -1.73 -9.67
N GLY A 103 -8.50 -2.71 -9.50
CA GLY A 103 -8.81 -4.05 -9.93
C GLY A 103 -8.08 -4.45 -11.22
N ALA A 104 -7.41 -3.49 -11.84
CA ALA A 104 -6.67 -3.81 -13.05
C ALA A 104 -5.20 -3.57 -12.77
N GLY A 105 -4.37 -4.56 -13.09
CA GLY A 105 -2.94 -4.41 -12.85
C GLY A 105 -2.19 -4.40 -14.18
N THR A 106 -0.89 -4.67 -14.11
CA THR A 106 -0.06 -4.68 -15.31
C THR A 106 -0.56 -5.66 -16.38
N LYS A 107 -0.95 -6.87 -15.98
CA LYS A 107 -1.40 -7.85 -16.97
C LYS A 107 -2.63 -7.42 -17.73
N THR A 108 -3.63 -6.92 -17.02
CA THR A 108 -4.85 -6.48 -17.66
C THR A 108 -4.60 -5.28 -18.56
N ALA A 109 -3.81 -4.33 -18.06
CA ALA A 109 -3.47 -3.13 -18.83
C ALA A 109 -2.79 -3.51 -20.15
N GLN A 110 -1.82 -4.42 -20.07
CA GLN A 110 -1.10 -4.88 -21.27
C GLN A 110 -2.03 -5.60 -22.24
N MET A 111 -2.94 -6.42 -21.70
CA MET A 111 -3.88 -7.12 -22.55
C MET A 111 -4.79 -6.12 -23.26
N TRP A 112 -5.34 -5.16 -22.52
CA TRP A 112 -6.21 -4.15 -23.12
C TRP A 112 -5.48 -3.35 -24.20
N TYR A 113 -4.23 -3.00 -23.92
CA TYR A 113 -3.45 -2.24 -24.88
C TYR A 113 -3.26 -3.06 -26.16
N GLN A 114 -2.93 -4.34 -26.01
CA GLN A 114 -2.72 -5.22 -27.15
C GLN A 114 -4.02 -5.39 -27.93
N GLN A 115 -5.15 -5.29 -27.24
CA GLN A 115 -6.43 -5.43 -27.93
C GLN A 115 -6.79 -4.14 -28.67
N GLY A 116 -5.92 -3.14 -28.57
CA GLY A 116 -6.15 -1.88 -29.27
C GLY A 116 -6.78 -0.73 -28.52
N PHE A 117 -7.07 -0.92 -27.23
CA PHE A 117 -7.69 0.13 -26.42
C PHE A 117 -6.66 1.17 -26.02
N ARG A 118 -7.04 2.45 -26.09
CA ARG A 118 -6.13 3.55 -25.78
C ARG A 118 -6.68 4.59 -24.79
N SER A 119 -7.96 4.52 -24.46
CA SER A 119 -8.54 5.49 -23.54
C SER A 119 -9.56 4.81 -22.62
N LEU A 120 -10.04 5.55 -21.62
CA LEU A 120 -11.02 4.99 -20.70
C LEU A 120 -12.36 4.83 -21.44
N GLU A 121 -12.54 5.62 -22.50
CA GLU A 121 -13.76 5.52 -23.30
C GLU A 121 -13.72 4.16 -24.01
N ASP A 122 -12.55 3.79 -24.55
CA ASP A 122 -12.40 2.49 -25.20
C ASP A 122 -12.73 1.37 -24.18
N ILE A 123 -12.20 1.50 -22.96
CA ILE A 123 -12.45 0.51 -21.91
C ILE A 123 -13.95 0.43 -21.61
N ARG A 124 -14.55 1.58 -21.35
CA ARG A 124 -15.97 1.67 -21.03
C ARG A 124 -16.86 1.01 -22.07
N SER A 125 -16.62 1.32 -23.34
CA SER A 125 -17.46 0.78 -24.41
C SER A 125 -17.08 -0.56 -25.01
N GLN A 126 -15.81 -0.95 -24.96
CA GLN A 126 -15.42 -2.20 -25.59
C GLN A 126 -14.73 -3.26 -24.74
N ALA A 127 -14.06 -2.85 -23.68
CA ALA A 127 -13.33 -3.80 -22.86
C ALA A 127 -14.16 -4.72 -21.99
N SER A 128 -13.59 -5.89 -21.71
CA SER A 128 -14.22 -6.86 -20.83
C SER A 128 -13.71 -6.42 -19.45
N LEU A 129 -14.62 -6.20 -18.52
CA LEU A 129 -14.26 -5.74 -17.19
C LEU A 129 -14.75 -6.67 -16.09
N THR A 130 -13.95 -6.84 -15.05
CA THR A 130 -14.37 -7.66 -13.92
C THR A 130 -15.31 -6.77 -13.15
N THR A 131 -16.01 -7.32 -12.16
CA THR A 131 -16.94 -6.53 -11.37
C THR A 131 -16.19 -5.43 -10.57
N GLN A 132 -15.01 -5.76 -10.04
CA GLN A 132 -14.23 -4.78 -9.29
C GLN A 132 -13.78 -3.68 -10.24
N GLN A 133 -13.29 -4.05 -11.42
CA GLN A 133 -12.84 -3.09 -12.41
C GLN A 133 -13.92 -2.10 -12.83
N ALA A 134 -15.17 -2.58 -12.94
CA ALA A 134 -16.27 -1.70 -13.33
C ALA A 134 -16.48 -0.64 -12.28
N ILE A 135 -16.35 -1.05 -11.01
CA ILE A 135 -16.50 -0.14 -9.87
C ILE A 135 -15.30 0.82 -9.86
N GLY A 136 -14.12 0.31 -10.15
CA GLY A 136 -12.95 1.16 -10.18
C GLY A 136 -13.10 2.23 -11.25
N LEU A 137 -13.60 1.83 -12.42
CA LEU A 137 -13.77 2.77 -13.53
C LEU A 137 -14.80 3.85 -13.19
N LYS A 138 -15.91 3.43 -12.60
CA LYS A 138 -16.97 4.35 -12.19
C LYS A 138 -16.47 5.41 -11.22
N HIS A 139 -15.48 5.07 -10.41
CA HIS A 139 -14.93 6.03 -9.45
C HIS A 139 -13.50 6.39 -9.82
N TYR A 140 -13.18 6.34 -11.11
CA TYR A 140 -11.81 6.61 -11.54
C TYR A 140 -11.15 7.85 -10.95
N SER A 141 -11.76 9.02 -11.17
CA SER A 141 -11.18 10.25 -10.63
C SER A 141 -11.15 10.26 -9.10
N ASP A 142 -12.26 9.91 -8.47
CA ASP A 142 -12.35 9.90 -7.01
C ASP A 142 -11.27 9.03 -6.35
N PHE A 143 -11.01 7.85 -6.90
CA PHE A 143 -10.02 6.95 -6.33
C PHE A 143 -8.58 7.43 -6.44
N LEU A 144 -8.34 8.44 -7.26
CA LEU A 144 -7.00 8.96 -7.42
C LEU A 144 -6.80 10.16 -6.48
N GLU A 145 -7.87 10.55 -5.81
CA GLU A 145 -7.80 11.68 -4.89
C GLU A 145 -7.60 11.22 -3.44
N ARG A 146 -6.95 12.08 -2.65
CA ARG A 146 -6.71 11.80 -1.25
C ARG A 146 -7.62 12.75 -0.47
N MET A 147 -8.28 12.24 0.56
CA MET A 147 -9.20 13.03 1.35
C MET A 147 -8.49 13.73 2.52
N PRO A 148 -9.10 14.81 3.03
CA PRO A 148 -8.53 15.55 4.15
C PRO A 148 -8.56 14.63 5.37
N ARG A 149 -7.58 14.76 6.25
CA ARG A 149 -7.53 13.94 7.45
C ARG A 149 -8.86 13.95 8.20
N GLU A 150 -9.47 15.13 8.29
CA GLU A 150 -10.73 15.30 9.00
C GLU A 150 -11.83 14.40 8.46
N GLU A 151 -11.87 14.20 7.15
CA GLU A 151 -12.89 13.34 6.55
C GLU A 151 -12.62 11.88 6.94
N ALA A 152 -11.35 11.50 6.96
CA ALA A 152 -10.97 10.15 7.34
C ALA A 152 -11.53 9.90 8.74
N THR A 153 -11.36 10.88 9.61
CA THR A 153 -11.86 10.78 10.98
C THR A 153 -13.35 10.49 10.98
N GLU A 154 -14.11 11.23 10.16
CA GLU A 154 -15.56 11.03 10.09
C GLU A 154 -15.93 9.62 9.64
N ILE A 155 -15.21 9.12 8.64
CA ILE A 155 -15.48 7.79 8.12
C ILE A 155 -15.16 6.75 9.17
N GLU A 156 -14.03 6.92 9.85
CA GLU A 156 -13.61 6.00 10.89
C GLU A 156 -14.63 6.00 12.05
N GLN A 157 -15.13 7.18 12.40
CA GLN A 157 -16.12 7.28 13.47
C GLN A 157 -17.44 6.64 13.06
N THR A 158 -17.75 6.71 11.76
CA THR A 158 -18.99 6.11 11.25
C THR A 158 -18.96 4.59 11.41
N VAL A 159 -17.78 4.02 11.19
CA VAL A 159 -17.61 2.59 11.30
C VAL A 159 -17.65 2.17 12.77
N GLN A 160 -16.92 2.89 13.61
CA GLN A 160 -16.89 2.59 15.03
C GLN A 160 -18.29 2.59 15.63
N LYS A 161 -19.03 3.67 15.40
CA LYS A 161 -20.40 3.79 15.90
C LYS A 161 -21.28 2.63 15.46
N ALA A 162 -21.14 2.22 14.21
CA ALA A 162 -21.94 1.11 13.69
C ALA A 162 -21.58 -0.19 14.37
N ALA A 163 -20.30 -0.36 14.68
CA ALA A 163 -19.83 -1.59 15.31
C ALA A 163 -20.17 -1.65 16.81
N GLN A 164 -19.88 -0.57 17.52
CA GLN A 164 -20.15 -0.52 18.95
C GLN A 164 -21.64 -0.51 19.26
N ALA A 165 -22.45 -0.44 18.21
CA ALA A 165 -23.90 -0.44 18.38
C ALA A 165 -24.38 -1.82 18.83
N PHE A 166 -23.82 -2.87 18.25
CA PHE A 166 -24.22 -4.21 18.66
C PHE A 166 -23.21 -4.86 19.61
N ASN A 167 -22.23 -4.08 20.05
CA ASN A 167 -21.23 -4.54 21.01
C ASN A 167 -20.29 -3.40 21.38
N SER A 168 -20.62 -2.74 22.49
CA SER A 168 -19.84 -1.61 23.00
C SER A 168 -18.40 -1.97 23.32
N GLY A 169 -18.11 -3.26 23.40
CA GLY A 169 -16.76 -3.69 23.72
C GLY A 169 -15.83 -3.74 22.52
N LEU A 170 -16.39 -3.62 21.32
CA LEU A 170 -15.59 -3.65 20.10
C LEU A 170 -14.64 -2.46 20.02
N LEU A 171 -13.38 -2.76 19.78
CA LEU A 171 -12.35 -1.73 19.66
C LEU A 171 -12.11 -1.49 18.17
N CYS A 172 -12.22 -0.23 17.76
CA CYS A 172 -12.03 0.14 16.35
C CYS A 172 -10.94 1.18 16.24
N VAL A 173 -9.90 0.86 15.47
CA VAL A 173 -8.76 1.74 15.30
C VAL A 173 -8.45 2.06 13.84
N ALA A 174 -8.42 3.35 13.51
CA ALA A 174 -8.10 3.77 12.15
C ALA A 174 -6.59 3.66 11.98
N CYS A 175 -6.14 2.77 11.11
CA CYS A 175 -4.71 2.59 10.90
C CYS A 175 -4.21 3.29 9.64
N GLY A 176 -3.37 2.61 8.87
CA GLY A 176 -2.84 3.17 7.64
C GLY A 176 -2.22 4.55 7.78
N SER A 177 -2.31 5.34 6.71
CA SER A 177 -1.76 6.69 6.69
C SER A 177 -2.38 7.55 7.79
N TYR A 178 -3.64 7.29 8.12
CA TYR A 178 -4.32 8.05 9.16
C TYR A 178 -3.56 7.92 10.48
N ARG A 179 -3.24 6.70 10.90
CA ARG A 179 -2.54 6.52 12.17
C ARG A 179 -1.13 7.08 12.13
N ARG A 180 -0.51 7.11 10.95
CA ARG A 180 0.83 7.64 10.83
C ARG A 180 0.81 9.17 10.87
N GLY A 181 -0.37 9.74 11.12
CA GLY A 181 -0.51 11.18 11.22
C GLY A 181 -0.49 12.03 9.96
N LYS A 182 -0.74 11.43 8.80
CA LYS A 182 -0.73 12.19 7.56
C LYS A 182 -1.87 13.21 7.48
N ALA A 183 -1.67 14.27 6.70
CA ALA A 183 -2.66 15.32 6.55
C ALA A 183 -3.80 14.88 5.64
N THR A 184 -3.48 14.01 4.68
CA THR A 184 -4.47 13.50 3.74
C THR A 184 -4.33 11.97 3.67
N CYS A 185 -5.45 11.29 3.38
CA CYS A 185 -5.47 9.85 3.31
C CYS A 185 -6.05 9.34 1.99
N GLY A 186 -5.39 8.33 1.41
CA GLY A 186 -5.87 7.78 0.16
C GLY A 186 -7.20 7.09 0.39
N ASP A 187 -7.29 6.37 1.50
CA ASP A 187 -8.52 5.68 1.87
C ASP A 187 -8.55 5.66 3.40
N VAL A 188 -9.45 4.89 3.96
CA VAL A 188 -9.53 4.77 5.42
C VAL A 188 -9.39 3.29 5.75
N ASP A 189 -8.40 2.99 6.59
CA ASP A 189 -8.13 1.61 7.01
C ASP A 189 -8.56 1.44 8.46
N VAL A 190 -9.54 0.57 8.69
CA VAL A 190 -10.03 0.37 10.05
C VAL A 190 -9.82 -1.05 10.58
N LEU A 191 -9.17 -1.15 11.74
CA LEU A 191 -8.93 -2.43 12.38
C LEU A 191 -9.95 -2.64 13.50
N ILE A 192 -10.61 -3.79 13.50
CA ILE A 192 -11.59 -4.09 14.53
C ILE A 192 -11.27 -5.37 15.29
N THR A 193 -11.28 -5.28 16.62
CA THR A 193 -11.02 -6.45 17.46
C THR A 193 -11.84 -6.33 18.76
N HIS A 194 -11.67 -7.29 19.65
CA HIS A 194 -12.38 -7.27 20.92
C HIS A 194 -11.47 -7.90 21.98
N PRO A 195 -11.22 -7.18 23.08
CA PRO A 195 -10.36 -7.65 24.18
C PRO A 195 -10.79 -8.98 24.82
N ASP A 196 -12.04 -9.36 24.65
CA ASP A 196 -12.53 -10.61 25.23
C ASP A 196 -12.05 -11.81 24.40
N GLY A 197 -11.30 -11.53 23.35
CA GLY A 197 -10.76 -12.56 22.49
C GLY A 197 -11.72 -13.49 21.76
N ARG A 198 -12.98 -13.10 21.61
CA ARG A 198 -13.92 -13.97 20.93
C ARG A 198 -15.13 -13.28 20.30
N SER A 199 -15.56 -12.16 20.87
CA SER A 199 -16.72 -11.44 20.36
C SER A 199 -16.52 -10.79 18.99
N HIS A 200 -15.33 -10.96 18.41
CA HIS A 200 -15.03 -10.40 17.10
C HIS A 200 -15.55 -11.35 16.02
N ARG A 201 -15.64 -12.63 16.36
CA ARG A 201 -16.09 -13.66 15.44
C ARG A 201 -17.47 -13.39 14.85
N GLY A 202 -17.56 -13.51 13.53
CA GLY A 202 -18.83 -13.31 12.83
C GLY A 202 -19.47 -11.94 12.95
N ILE A 203 -18.66 -10.88 13.03
CA ILE A 203 -19.23 -9.54 13.14
C ILE A 203 -19.33 -8.83 11.79
N PHE A 204 -18.57 -9.28 10.80
CA PHE A 204 -18.62 -8.64 9.48
C PHE A 204 -20.04 -8.60 8.93
N SER A 205 -20.71 -9.75 8.95
CA SER A 205 -22.07 -9.84 8.45
C SER A 205 -22.96 -8.72 9.00
N ARG A 206 -22.99 -8.59 10.32
CA ARG A 206 -23.79 -7.58 10.97
C ARG A 206 -23.31 -6.16 10.70
N LEU A 207 -22.01 -5.93 10.82
CA LEU A 207 -21.45 -4.60 10.59
C LEU A 207 -21.74 -4.08 9.18
N LEU A 208 -21.49 -4.92 8.17
CA LEU A 208 -21.70 -4.53 6.80
C LEU A 208 -23.18 -4.26 6.47
N ASP A 209 -24.07 -5.10 6.96
CA ASP A 209 -25.50 -4.87 6.70
C ASP A 209 -25.95 -3.59 7.38
N SER A 210 -25.39 -3.30 8.55
CA SER A 210 -25.73 -2.09 9.27
C SER A 210 -25.30 -0.86 8.46
N LEU A 211 -24.07 -0.89 7.97
CA LEU A 211 -23.55 0.22 7.18
C LEU A 211 -24.28 0.38 5.86
N ARG A 212 -24.87 -0.70 5.36
CA ARG A 212 -25.64 -0.65 4.12
C ARG A 212 -27.04 -0.12 4.38
N GLN A 213 -27.48 -0.29 5.63
CA GLN A 213 -28.78 0.18 6.07
C GLN A 213 -28.87 1.69 5.87
N GLU A 214 -27.86 2.40 6.37
CA GLU A 214 -27.81 3.86 6.27
C GLU A 214 -27.35 4.36 4.90
N GLY A 215 -26.94 3.42 4.03
CA GLY A 215 -26.50 3.81 2.70
C GLY A 215 -25.07 4.30 2.65
N PHE A 216 -24.33 4.10 3.74
CA PHE A 216 -22.94 4.52 3.80
C PHE A 216 -22.11 3.80 2.74
N LEU A 217 -22.18 2.46 2.74
CA LEU A 217 -21.44 1.67 1.76
C LEU A 217 -22.17 1.72 0.43
N THR A 218 -21.45 1.99 -0.66
CA THR A 218 -22.06 2.10 -1.97
C THR A 218 -21.68 0.98 -2.94
N ASP A 219 -20.54 0.36 -2.69
CA ASP A 219 -20.06 -0.72 -3.55
C ASP A 219 -19.07 -1.60 -2.78
N ASP A 220 -19.10 -2.90 -3.03
CA ASP A 220 -18.18 -3.83 -2.39
C ASP A 220 -17.16 -4.30 -3.42
N LEU A 221 -15.88 -4.33 -3.03
CA LEU A 221 -14.80 -4.76 -3.92
C LEU A 221 -14.30 -6.16 -3.59
N VAL A 222 -14.01 -6.39 -2.30
CA VAL A 222 -13.56 -7.68 -1.80
C VAL A 222 -14.30 -7.89 -0.48
N SER A 223 -15.12 -8.93 -0.41
CA SER A 223 -15.89 -9.18 0.81
C SER A 223 -16.49 -10.59 0.74
N GLN A 224 -15.76 -11.57 1.30
CA GLN A 224 -16.22 -12.96 1.30
C GLN A 224 -17.17 -13.20 2.48
N GLU A 225 -18.42 -12.81 2.30
CA GLU A 225 -19.42 -12.94 3.36
C GLU A 225 -20.07 -14.32 3.49
N GLU A 226 -19.77 -15.24 2.59
CA GLU A 226 -20.35 -16.58 2.69
C GLU A 226 -19.49 -17.42 3.65
N ASN A 227 -18.27 -16.95 3.89
CA ASN A 227 -17.34 -17.63 4.79
C ASN A 227 -17.34 -16.90 6.13
N GLY A 228 -17.59 -17.64 7.21
CA GLY A 228 -17.63 -17.02 8.53
C GLY A 228 -16.29 -16.56 9.04
N GLN A 229 -15.22 -16.97 8.37
CA GLN A 229 -13.86 -16.59 8.74
C GLN A 229 -13.36 -15.38 7.94
N GLN A 230 -14.28 -14.62 7.37
CA GLN A 230 -13.91 -13.43 6.58
C GLN A 230 -12.94 -12.55 7.37
N GLN A 231 -11.80 -12.25 6.77
CA GLN A 231 -10.80 -11.42 7.44
C GLN A 231 -10.83 -9.94 7.03
N LYS A 232 -11.11 -9.65 5.76
CA LYS A 232 -11.11 -8.27 5.32
C LYS A 232 -12.32 -7.83 4.50
N TYR A 233 -12.46 -6.52 4.40
CA TYR A 233 -13.50 -5.91 3.60
C TYR A 233 -12.85 -4.74 2.88
N LEU A 234 -12.94 -4.74 1.56
CA LEU A 234 -12.42 -3.64 0.76
C LEU A 234 -13.65 -3.16 0.03
N GLY A 235 -13.97 -1.88 0.20
CA GLY A 235 -15.15 -1.36 -0.46
C GLY A 235 -15.13 0.14 -0.66
N VAL A 236 -16.31 0.68 -0.93
CA VAL A 236 -16.50 2.09 -1.21
C VAL A 236 -17.59 2.68 -0.33
N CYS A 237 -17.39 3.92 0.11
CA CYS A 237 -18.38 4.59 0.95
C CYS A 237 -18.43 6.07 0.62
N ARG A 238 -19.47 6.75 1.11
CA ARG A 238 -19.62 8.18 0.93
C ARG A 238 -20.46 8.76 2.05
N LEU A 239 -19.94 9.80 2.70
CA LEU A 239 -20.64 10.45 3.80
C LEU A 239 -21.86 11.20 3.26
N PRO A 240 -22.83 11.52 4.14
CA PRO A 240 -24.04 12.23 3.71
C PRO A 240 -23.79 13.70 3.41
N GLY A 241 -24.68 14.31 2.62
CA GLY A 241 -24.56 15.71 2.31
C GLY A 241 -23.91 16.07 1.00
N PRO A 242 -23.94 17.36 0.62
CA PRO A 242 -23.35 17.85 -0.62
C PRO A 242 -21.84 17.96 -0.51
N GLY A 243 -21.17 17.97 -1.66
CA GLY A 243 -19.72 18.10 -1.66
C GLY A 243 -18.95 16.92 -1.16
N ARG A 244 -19.59 15.75 -1.11
CA ARG A 244 -18.91 14.54 -0.65
C ARG A 244 -18.54 13.66 -1.85
N ARG A 245 -17.34 13.10 -1.81
CA ARG A 245 -16.87 12.23 -2.86
C ARG A 245 -16.85 10.78 -2.36
N HIS A 246 -16.85 9.81 -3.27
CA HIS A 246 -16.79 8.41 -2.88
C HIS A 246 -15.38 8.13 -2.41
N ARG A 247 -15.26 7.46 -1.27
CA ARG A 247 -13.97 7.12 -0.69
C ARG A 247 -13.80 5.62 -0.51
N ARG A 248 -12.58 5.14 -0.64
N ARG A 248 -12.58 5.14 -0.64
CA ARG A 248 -12.31 3.72 -0.44
CA ARG A 248 -12.31 3.71 -0.45
C ARG A 248 -12.27 3.44 1.05
C ARG A 248 -12.25 3.43 1.04
N LEU A 249 -12.79 2.29 1.44
CA LEU A 249 -12.84 1.85 2.83
C LEU A 249 -12.20 0.46 2.91
N ASP A 250 -11.27 0.30 3.86
CA ASP A 250 -10.54 -0.95 4.05
C ASP A 250 -10.75 -1.36 5.51
N ILE A 251 -11.39 -2.51 5.76
CA ILE A 251 -11.64 -2.97 7.13
C ILE A 251 -11.13 -4.39 7.38
N ILE A 252 -10.47 -4.61 8.51
CA ILE A 252 -10.02 -5.95 8.88
C ILE A 252 -10.47 -6.24 10.31
N VAL A 253 -10.99 -7.44 10.53
CA VAL A 253 -11.44 -7.86 11.84
C VAL A 253 -10.47 -8.95 12.29
N VAL A 254 -9.87 -8.76 13.46
CA VAL A 254 -8.89 -9.72 13.96
C VAL A 254 -9.10 -10.13 15.42
N PRO A 255 -8.65 -11.34 15.79
CA PRO A 255 -8.78 -11.84 17.16
C PRO A 255 -7.80 -11.05 18.03
N TYR A 256 -8.18 -10.80 19.28
CA TYR A 256 -7.32 -10.02 20.18
C TYR A 256 -5.89 -10.51 20.29
N SER A 257 -5.69 -11.83 20.21
CA SER A 257 -4.36 -12.42 20.32
C SER A 257 -3.42 -12.00 19.18
N GLU A 258 -4.00 -11.48 18.10
CA GLU A 258 -3.22 -11.03 16.95
C GLU A 258 -3.22 -9.52 16.81
N PHE A 259 -3.85 -8.83 17.76
CA PHE A 259 -3.95 -7.37 17.74
C PHE A 259 -2.65 -6.62 17.46
N ALA A 260 -1.59 -6.95 18.19
CA ALA A 260 -0.31 -6.28 18.00
C ALA A 260 0.22 -6.37 16.58
N CYS A 261 0.32 -7.58 16.05
CA CYS A 261 0.84 -7.75 14.70
C CYS A 261 -0.07 -7.18 13.61
N ALA A 262 -1.38 -7.27 13.81
CA ALA A 262 -2.33 -6.74 12.85
C ALA A 262 -2.26 -5.22 12.81
N LEU A 263 -2.06 -4.61 13.98
CA LEU A 263 -1.98 -3.16 14.09
C LEU A 263 -0.70 -2.69 13.39
N LEU A 264 0.39 -3.41 13.63
CA LEU A 264 1.68 -3.09 13.03
C LEU A 264 1.56 -3.16 11.51
N TYR A 265 1.02 -4.28 11.04
CA TYR A 265 0.81 -4.50 9.61
C TYR A 265 -0.09 -3.42 9.01
N PHE A 266 -1.27 -3.23 9.60
CA PHE A 266 -2.21 -2.27 9.06
C PHE A 266 -1.78 -0.81 9.14
N THR A 267 -0.83 -0.51 10.02
CA THR A 267 -0.33 0.86 10.15
C THR A 267 0.71 1.15 9.06
N GLY A 268 1.56 0.16 8.75
CA GLY A 268 2.56 0.36 7.72
C GLY A 268 3.63 1.37 8.07
N SER A 269 4.17 2.08 7.08
CA SER A 269 3.77 1.97 5.68
C SER A 269 4.07 0.61 5.04
N ALA A 270 3.69 0.46 3.77
CA ALA A 270 3.92 -0.78 3.04
C ALA A 270 5.43 -1.01 2.97
N HIS A 271 6.19 0.03 2.67
CA HIS A 271 7.65 -0.09 2.58
C HIS A 271 8.17 -0.50 3.94
N PHE A 272 7.71 0.19 4.97
CA PHE A 272 8.14 -0.11 6.33
C PHE A 272 7.88 -1.57 6.66
N ASN A 273 6.68 -2.07 6.34
CA ASN A 273 6.36 -3.48 6.61
C ASN A 273 7.31 -4.41 5.86
N ARG A 274 7.57 -4.13 4.59
CA ARG A 274 8.45 -4.99 3.82
C ARG A 274 9.87 -4.98 4.41
N SER A 275 10.33 -3.82 4.86
CA SER A 275 11.67 -3.71 5.44
C SER A 275 11.76 -4.47 6.75
N MET A 276 10.73 -4.34 7.58
CA MET A 276 10.70 -5.02 8.86
C MET A 276 10.58 -6.52 8.66
N ARG A 277 9.72 -6.95 7.74
CA ARG A 277 9.57 -8.39 7.50
C ARG A 277 10.86 -8.97 6.94
N ALA A 278 11.55 -8.21 6.10
CA ALA A 278 12.82 -8.66 5.54
C ALA A 278 13.83 -8.84 6.69
N LEU A 279 13.84 -7.90 7.63
CA LEU A 279 14.74 -7.97 8.77
C LEU A 279 14.48 -9.26 9.55
N ALA A 280 13.22 -9.49 9.89
CA ALA A 280 12.85 -10.69 10.63
C ALA A 280 13.32 -11.94 9.91
N LYS A 281 13.26 -11.90 8.58
CA LYS A 281 13.65 -13.03 7.75
C LYS A 281 15.13 -13.38 7.92
N THR A 282 15.98 -12.37 8.04
CA THR A 282 17.41 -12.60 8.21
C THR A 282 17.70 -13.26 9.55
N LYS A 283 16.80 -13.09 10.50
CA LYS A 283 16.98 -13.67 11.84
C LYS A 283 16.27 -15.01 11.99
N GLY A 284 15.96 -15.66 10.87
CA GLY A 284 15.28 -16.95 10.93
C GLY A 284 13.91 -16.81 11.56
N MET A 285 13.27 -15.68 11.29
CA MET A 285 11.94 -15.41 11.82
C MET A 285 11.04 -14.98 10.68
N SER A 286 9.74 -14.88 10.96
CA SER A 286 8.78 -14.47 9.94
C SER A 286 7.74 -13.57 10.57
N LEU A 287 7.40 -12.48 9.89
CA LEU A 287 6.40 -11.57 10.41
C LEU A 287 5.24 -11.38 9.44
N SER A 288 4.04 -11.55 9.96
CA SER A 288 2.81 -11.38 9.17
C SER A 288 1.82 -10.59 10.03
N GLU A 289 0.63 -10.35 9.48
CA GLU A 289 -0.39 -9.62 10.20
C GLU A 289 -0.95 -10.47 11.33
N HIS A 290 -0.67 -11.77 11.28
CA HIS A 290 -1.16 -12.72 12.28
C HIS A 290 -0.20 -12.88 13.46
N ALA A 291 1.09 -12.94 13.20
CA ALA A 291 2.04 -13.14 14.28
C ALA A 291 3.50 -13.07 13.82
N LEU A 292 4.39 -13.01 14.81
CA LEU A 292 5.82 -13.00 14.58
C LEU A 292 6.25 -14.41 14.98
N SER A 293 6.89 -15.12 14.06
CA SER A 293 7.32 -16.48 14.32
C SER A 293 8.83 -16.61 14.27
N THR A 294 9.35 -17.59 15.01
CA THR A 294 10.79 -17.81 15.06
C THR A 294 11.11 -19.25 14.64
N ALA A 295 12.38 -19.51 14.37
CA ALA A 295 12.85 -20.83 13.95
C ALA A 295 12.20 -21.22 12.61
N VAL A 296 11.88 -20.22 11.80
CA VAL A 296 11.28 -20.46 10.50
C VAL A 296 12.32 -21.01 9.54
N VAL A 297 12.01 -22.15 8.91
CA VAL A 297 12.93 -22.79 7.97
C VAL A 297 12.63 -22.38 6.54
N ARG A 298 13.66 -21.91 5.83
CA ARG A 298 13.51 -21.48 4.45
C ARG A 298 14.54 -22.16 3.55
N ASN A 299 14.27 -22.19 2.26
CA ASN A 299 15.19 -22.79 1.30
C ASN A 299 16.19 -21.77 0.79
N THR A 300 16.89 -22.11 -0.29
CA THR A 300 17.89 -21.22 -0.88
C THR A 300 17.27 -20.00 -1.56
N HIS A 301 16.10 -20.19 -2.17
CA HIS A 301 15.40 -19.11 -2.85
C HIS A 301 14.78 -18.11 -1.89
N GLY A 302 14.91 -18.37 -0.58
CA GLY A 302 14.35 -17.49 0.40
C GLY A 302 12.87 -17.74 0.65
N ALA A 303 12.40 -18.93 0.26
CA ALA A 303 11.00 -19.30 0.44
C ALA A 303 10.83 -20.10 1.73
N LYS A 304 9.75 -19.82 2.45
CA LYS A 304 9.48 -20.52 3.70
C LYS A 304 9.10 -21.98 3.51
N VAL A 305 9.85 -22.86 4.18
CA VAL A 305 9.60 -24.30 4.10
C VAL A 305 9.07 -24.80 5.44
N GLY A 306 9.55 -24.21 6.53
CA GLY A 306 9.13 -24.60 7.86
C GLY A 306 8.26 -23.56 8.54
N PRO A 307 7.31 -23.98 9.39
CA PRO A 307 6.40 -23.08 10.10
C PRO A 307 7.07 -22.21 11.18
N GLY A 308 7.55 -22.85 12.23
CA GLY A 308 8.19 -22.13 13.32
C GLY A 308 7.28 -21.99 14.51
N ARG A 309 7.73 -21.27 15.53
CA ARG A 309 6.93 -21.06 16.72
C ARG A 309 6.46 -19.62 16.78
N VAL A 310 5.20 -19.42 17.16
CA VAL A 310 4.67 -18.07 17.27
C VAL A 310 5.16 -17.48 18.58
N LEU A 311 5.74 -16.29 18.50
CA LEU A 311 6.27 -15.61 19.67
C LEU A 311 5.22 -14.75 20.35
N PRO A 312 5.35 -14.54 21.67
CA PRO A 312 4.38 -13.71 22.39
C PRO A 312 4.55 -12.25 22.01
N THR A 313 3.49 -11.62 21.51
CA THR A 313 3.56 -10.21 21.14
C THR A 313 2.31 -9.47 21.55
N PRO A 314 2.19 -9.14 22.84
CA PRO A 314 1.05 -8.42 23.42
C PRO A 314 0.90 -7.01 22.86
N THR A 315 2.04 -6.38 22.55
CA THR A 315 2.02 -5.02 22.02
C THR A 315 3.00 -4.88 20.87
N GLU A 316 2.90 -3.75 20.16
CA GLU A 316 3.79 -3.48 19.03
C GLU A 316 5.23 -3.42 19.50
N LYS A 317 5.45 -2.85 20.68
CA LYS A 317 6.81 -2.74 21.23
C LYS A 317 7.46 -4.11 21.34
N ASP A 318 6.68 -5.12 21.71
CA ASP A 318 7.19 -6.47 21.83
C ASP A 318 7.76 -6.97 20.51
N VAL A 319 7.09 -6.61 19.41
CA VAL A 319 7.56 -7.05 18.10
C VAL A 319 8.94 -6.48 17.82
N PHE A 320 9.06 -5.16 17.96
CA PHE A 320 10.33 -4.48 17.74
C PHE A 320 11.42 -5.08 18.62
N ARG A 321 11.10 -5.26 19.90
CA ARG A 321 12.05 -5.82 20.85
C ARG A 321 12.56 -7.19 20.40
N LEU A 322 11.64 -8.10 20.13
CA LEU A 322 12.01 -9.44 19.70
C LEU A 322 12.84 -9.44 18.42
N LEU A 323 12.82 -8.33 17.69
CA LEU A 323 13.59 -8.21 16.46
C LEU A 323 14.87 -7.41 16.71
N GLY A 324 15.06 -6.98 17.96
CA GLY A 324 16.25 -6.20 18.30
C GLY A 324 16.21 -4.82 17.69
N LEU A 325 15.00 -4.31 17.47
CA LEU A 325 14.81 -2.99 16.89
C LEU A 325 14.30 -1.98 17.91
N PRO A 326 14.74 -0.72 17.78
CA PRO A 326 14.28 0.31 18.72
C PRO A 326 12.87 0.67 18.26
N TYR A 327 11.95 0.83 19.21
CA TYR A 327 10.57 1.16 18.88
C TYR A 327 10.46 2.42 18.04
N ARG A 328 9.47 2.43 17.14
CA ARG A 328 9.22 3.57 16.28
C ARG A 328 7.74 3.91 16.31
N GLU A 329 7.45 5.19 16.51
CA GLU A 329 6.06 5.67 16.54
C GLU A 329 5.49 5.53 15.13
N PRO A 330 4.16 5.41 15.01
CA PRO A 330 3.58 5.28 13.67
C PRO A 330 4.12 6.34 12.71
N ALA A 331 4.25 7.58 13.21
CA ALA A 331 4.77 8.68 12.40
C ALA A 331 6.19 8.43 11.91
N GLU A 332 6.94 7.62 12.63
CA GLU A 332 8.33 7.31 12.27
C GLU A 332 8.40 6.13 11.31
N ARG A 333 7.23 5.66 10.88
CA ARG A 333 7.14 4.52 9.97
C ARG A 333 6.61 4.94 8.61
N ASP A 334 6.59 6.24 8.36
CA ASP A 334 6.08 6.77 7.10
C ASP A 334 7.08 6.68 5.96
N TRP A 335 7.46 5.47 5.59
CA TRP A 335 8.42 5.27 4.52
C TRP A 335 7.73 5.18 3.16
#